data_3L7V
#
_entry.id   3L7V
#
_cell.length_a   81.900
_cell.length_b   92.600
_cell.length_c   40.600
_cell.angle_alpha   90.00
_cell.angle_beta   90.00
_cell.angle_gamma   90.00
#
_symmetry.space_group_name_H-M   'P 21 21 2'
#
loop_
_entity.id
_entity.type
_entity.pdbx_description
1 polymer 'Putative uncharacterized protein smu.1377c'
2 non-polymer 'SULFATE ION'
3 water water
#
_entity_poly.entity_id   1
_entity_poly.type   'polypeptide(L)'
_entity_poly.pdbx_seq_one_letter_code
;(MSE)GSSHHHHHHSSGLVPRGSH(MSE)AS(MSE)TGGQQ(MSE)GRGS(MSE)TKHIHWDGNLSQEGFEIVKGEGGVI
VCPTKVGYII(MSE)TSDKKGLERKFEAKKRNRNKPGVVLCGS(MSE)EELRALAQLTPEIDAFYQKHWDEDILLGCILP
WKAEAYEKLKAYGDGREEL(MSE)TDIRGTSCFVIKFGVAGEQIAKE(MSE)WEKEGR(MSE)VYASSANPSGKGNRGKV
EGIGERIES(MSE)VDLVIEADDYVASIQPDKTIETRYEQGV(MSE)VS(MSE)VDKDGKLIPQQGADSRSVEPCPVVIR
KGLDIDKI(MSE)(MSE)HLSDQFNSWNYRQGEYY
;
_entity_poly.pdbx_strand_id   A
#
loop_
_chem_comp.id
_chem_comp.type
_chem_comp.name
_chem_comp.formula
SO4 non-polymer 'SULFATE ION' 'O4 S -2'
#
# COMPACT_ATOMS: atom_id res chain seq x y z
N SER A 34 -10.36 6.66 -24.25
CA SER A 34 -11.76 6.81 -23.89
C SER A 34 -12.53 5.49 -23.84
N MSE A 35 -12.45 4.68 -24.90
CA MSE A 35 -12.83 3.27 -24.81
C MSE A 35 -11.79 2.54 -23.95
O MSE A 35 -10.59 2.75 -24.10
CB MSE A 35 -12.87 2.61 -26.19
CG MSE A 35 -14.19 2.74 -26.96
SE MSE A 35 -14.40 1.34 -28.31
CE MSE A 35 -14.19 -0.22 -27.19
N THR A 36 -12.24 1.66 -23.06
CA THR A 36 -11.29 0.92 -22.21
C THR A 36 -11.55 -0.59 -22.17
N LYS A 37 -10.49 -1.37 -22.34
CA LYS A 37 -10.57 -2.82 -22.28
C LYS A 37 -10.76 -3.36 -20.84
N HIS A 38 -11.71 -4.29 -20.67
CA HIS A 38 -11.95 -4.94 -19.39
C HIS A 38 -11.67 -6.43 -19.53
N ILE A 39 -11.00 -7.01 -18.53
CA ILE A 39 -10.74 -8.46 -18.46
C ILE A 39 -11.07 -9.02 -17.07
N HIS A 40 -11.24 -10.35 -16.98
CA HIS A 40 -11.48 -11.02 -15.70
C HIS A 40 -10.25 -11.78 -15.17
N TRP A 41 -9.85 -11.47 -13.93
CA TRP A 41 -8.71 -12.15 -13.29
C TRP A 41 -9.04 -13.62 -13.03
N ASP A 42 -8.12 -14.52 -13.38
CA ASP A 42 -8.37 -15.96 -13.21
C ASP A 42 -7.59 -16.59 -12.05
N GLY A 43 -6.85 -15.80 -11.29
CA GLY A 43 -6.08 -16.35 -10.19
C GLY A 43 -4.59 -16.51 -10.47
N ASN A 44 -4.19 -16.43 -11.74
CA ASN A 44 -2.78 -16.42 -12.13
C ASN A 44 -2.29 -14.99 -12.42
N LEU A 45 -0.98 -14.82 -12.48
CA LEU A 45 -0.39 -13.52 -12.83
C LEU A 45 -0.98 -12.95 -14.13
N SER A 46 -1.39 -11.68 -14.11
CA SER A 46 -1.88 -11.01 -15.32
C SER A 46 -0.74 -10.49 -16.23
N GLN A 47 -0.46 -11.22 -17.30
CA GLN A 47 0.60 -10.85 -18.24
C GLN A 47 0.28 -9.54 -18.95
N GLU A 48 -1.00 -9.34 -19.27
CA GLU A 48 -1.43 -8.13 -19.94
C GLU A 48 -1.24 -6.90 -19.03
N GLY A 49 -1.65 -7.01 -17.77
CA GLY A 49 -1.48 -5.95 -16.78
C GLY A 49 -0.02 -5.60 -16.50
N PHE A 50 0.82 -6.64 -16.39
CA PHE A 50 2.26 -6.48 -16.25
C PHE A 50 2.89 -5.65 -17.40
N GLU A 51 2.65 -6.06 -18.64
CA GLU A 51 3.23 -5.39 -19.81
C GLU A 51 2.81 -3.92 -19.90
N ILE A 52 1.57 -3.62 -19.51
CA ILE A 52 1.08 -2.25 -19.50
C ILE A 52 1.79 -1.36 -18.47
N VAL A 53 1.98 -1.87 -17.25
CA VAL A 53 2.62 -1.09 -16.19
C VAL A 53 4.14 -0.98 -16.41
N LYS A 54 4.71 -2.00 -17.01
CA LYS A 54 6.11 -1.96 -17.43
C LYS A 54 6.37 -0.86 -18.49
N GLY A 55 5.42 -0.61 -19.38
CA GLY A 55 5.53 0.45 -20.38
C GLY A 55 5.46 1.88 -19.84
N GLU A 56 6.19 2.80 -20.45
CA GLU A 56 6.25 4.20 -20.02
C GLU A 56 4.86 4.83 -19.85
N GLY A 57 4.56 5.33 -18.65
CA GLY A 57 3.29 5.99 -18.36
C GLY A 57 2.08 5.07 -18.17
N GLY A 58 2.30 3.77 -18.07
CA GLY A 58 1.20 2.84 -17.93
C GLY A 58 0.42 3.00 -16.64
N VAL A 59 -0.90 2.79 -16.72
CA VAL A 59 -1.83 2.91 -15.59
C VAL A 59 -2.96 1.88 -15.71
N ILE A 60 -3.16 1.09 -14.65
CA ILE A 60 -4.25 0.11 -14.62
C ILE A 60 -5.12 0.21 -13.37
N VAL A 61 -6.31 -0.42 -13.43
CA VAL A 61 -7.16 -0.60 -12.26
C VAL A 61 -7.11 -2.08 -11.87
N CYS A 62 -7.10 -2.37 -10.55
CA CYS A 62 -6.79 -3.71 -10.04
C CYS A 62 -7.48 -4.00 -8.69
N PRO A 63 -8.04 -5.22 -8.52
CA PRO A 63 -8.79 -5.64 -7.33
C PRO A 63 -7.87 -5.80 -6.12
N THR A 64 -8.39 -5.55 -4.92
CA THR A 64 -7.68 -5.86 -3.69
C THR A 64 -8.61 -6.55 -2.70
N LYS A 65 -8.10 -6.91 -1.53
CA LYS A 65 -8.90 -7.50 -0.45
C LYS A 65 -10.07 -6.61 0.01
N VAL A 66 -9.91 -5.29 -0.06
CA VAL A 66 -10.99 -4.38 0.36
C VAL A 66 -11.62 -3.51 -0.78
N GLY A 67 -11.29 -3.79 -2.03
CA GLY A 67 -11.91 -3.08 -3.16
C GLY A 67 -11.08 -2.95 -4.44
N TYR A 68 -10.87 -1.72 -4.91
CA TYR A 68 -10.13 -1.44 -6.15
C TYR A 68 -9.08 -0.32 -6.00
N ILE A 69 -7.91 -0.52 -6.62
CA ILE A 69 -6.84 0.48 -6.62
C ILE A 69 -6.40 0.85 -8.05
N ILE A 70 -5.89 2.07 -8.20
CA ILE A 70 -5.16 2.48 -9.39
C ILE A 70 -3.65 2.28 -9.17
N MSE A 71 -2.98 1.64 -10.14
CA MSE A 71 -1.58 1.22 -10.05
C MSE A 71 -0.72 1.81 -11.19
O MSE A 71 -1.13 1.76 -12.36
CB MSE A 71 -1.48 -0.31 -10.16
CG MSE A 71 -1.75 -1.11 -8.91
SE MSE A 71 -1.46 -3.04 -9.19
CE MSE A 71 0.19 -2.95 -10.26
N THR A 72 0.47 2.31 -10.84
CA THR A 72 1.45 2.83 -11.80
C THR A 72 2.89 2.64 -11.31
N SER A 73 3.87 2.89 -12.18
CA SER A 73 5.27 2.72 -11.82
C SER A 73 6.24 3.86 -12.23
N ASP A 74 5.71 5.00 -12.68
CA ASP A 74 6.56 6.16 -12.94
C ASP A 74 5.88 7.52 -12.76
N LYS A 75 6.65 8.58 -12.87
CA LYS A 75 6.12 9.94 -12.70
C LYS A 75 4.98 10.30 -13.68
N LYS A 76 5.17 9.99 -14.96
CA LYS A 76 4.12 10.19 -15.97
C LYS A 76 2.80 9.47 -15.64
N GLY A 77 2.89 8.26 -15.08
CA GLY A 77 1.70 7.53 -14.66
C GLY A 77 1.07 8.14 -13.42
N LEU A 78 1.92 8.65 -12.51
CA LEU A 78 1.45 9.27 -11.27
C LEU A 78 0.68 10.56 -11.52
N GLU A 79 1.17 11.38 -12.43
CA GLU A 79 0.43 12.58 -12.86
C GLU A 79 -0.99 12.24 -13.36
N ARG A 80 -1.09 11.19 -14.18
CA ARG A 80 -2.38 10.76 -14.69
C ARG A 80 -3.31 10.35 -13.53
N LYS A 81 -2.76 9.72 -12.50
CA LYS A 81 -3.56 9.23 -11.37
C LYS A 81 -4.17 10.37 -10.56
N PHE A 82 -3.31 11.30 -10.15
CA PHE A 82 -3.75 12.46 -9.37
C PHE A 82 -4.82 13.28 -10.14
N GLU A 83 -4.58 13.51 -11.44
CA GLU A 83 -5.56 14.22 -12.28
C GLU A 83 -6.91 13.50 -12.37
N ALA A 84 -6.88 12.19 -12.57
CA ALA A 84 -8.09 11.39 -12.75
C ALA A 84 -8.98 11.36 -11.51
N LYS A 85 -8.35 11.34 -10.32
CA LYS A 85 -9.08 11.33 -9.06
C LYS A 85 -9.34 12.74 -8.54
N LYS A 86 -8.57 13.71 -9.05
CA LYS A 86 -8.57 15.06 -8.52
C LYS A 86 -8.12 15.03 -7.05
N ARG A 87 -7.00 14.35 -6.82
CA ARG A 87 -6.47 14.13 -5.48
C ARG A 87 -5.50 15.24 -5.08
N ASN A 88 -5.49 15.60 -3.80
CA ASN A 88 -4.54 16.59 -3.30
C ASN A 88 -3.09 16.13 -3.46
N ARG A 89 -2.27 17.00 -4.04
CA ARG A 89 -0.88 16.69 -4.37
C ARG A 89 0.01 16.44 -3.15
N ASN A 90 -0.43 16.93 -1.99
CA ASN A 90 0.29 16.72 -0.75
C ASN A 90 -0.05 15.38 -0.10
N LYS A 91 -0.99 14.65 -0.70
CA LYS A 91 -1.35 13.32 -0.21
C LYS A 91 -0.75 12.25 -1.13
N PRO A 92 0.38 11.67 -0.71
CA PRO A 92 1.20 10.75 -1.52
C PRO A 92 0.54 9.39 -1.79
N GLY A 93 0.92 8.76 -2.92
CA GLY A 93 0.61 7.35 -3.15
C GLY A 93 1.46 6.47 -2.23
N VAL A 94 1.08 5.20 -2.09
CA VAL A 94 1.76 4.25 -1.21
C VAL A 94 2.67 3.31 -1.99
N VAL A 95 3.65 2.70 -1.30
CA VAL A 95 4.55 1.71 -1.92
C VAL A 95 4.09 0.25 -1.73
N LEU A 96 3.82 -0.44 -2.84
CA LEU A 96 3.34 -1.83 -2.78
C LEU A 96 4.50 -2.85 -2.80
N CYS A 97 4.72 -3.54 -1.67
CA CYS A 97 5.82 -4.51 -1.52
C CYS A 97 5.44 -5.95 -1.90
N GLY A 98 6.23 -6.56 -2.78
CA GLY A 98 5.97 -7.92 -3.24
C GLY A 98 6.73 -8.99 -2.46
N SER A 99 7.57 -8.56 -1.53
CA SER A 99 8.29 -9.48 -0.66
C SER A 99 8.97 -8.76 0.48
N MSE A 100 9.37 -9.53 1.48
CA MSE A 100 10.06 -8.97 2.64
C MSE A 100 11.44 -8.45 2.27
O MSE A 100 11.97 -7.56 2.93
CB MSE A 100 10.17 -10.03 3.75
CG MSE A 100 8.84 -10.33 4.42
SE MSE A 100 8.10 -8.91 5.59
CE MSE A 100 9.63 -8.68 6.81
N GLU A 101 12.00 -9.00 1.21
CA GLU A 101 13.32 -8.59 0.73
C GLU A 101 13.30 -7.18 0.17
N GLU A 102 12.28 -6.86 -0.63
CA GLU A 102 12.10 -5.49 -1.12
C GLU A 102 11.91 -4.50 0.03
N LEU A 103 11.06 -4.85 1.00
CA LEU A 103 10.90 -4.00 2.18
C LEU A 103 12.23 -3.67 2.89
N ARG A 104 13.03 -4.69 3.15
CA ARG A 104 14.28 -4.50 3.89
C ARG A 104 15.35 -3.76 3.08
N ALA A 105 15.26 -3.82 1.75
CA ALA A 105 16.15 -3.05 0.89
C ALA A 105 15.84 -1.54 0.89
N LEU A 106 14.59 -1.16 1.19
CA LEU A 106 14.11 0.22 0.97
C LEU A 106 13.86 1.06 2.23
N ALA A 107 13.36 0.44 3.29
CA ALA A 107 12.92 1.17 4.47
C ALA A 107 13.83 0.94 5.68
N GLN A 108 14.00 1.96 6.52
CA GLN A 108 14.71 1.84 7.79
C GLN A 108 13.86 1.04 8.78
N LEU A 109 14.50 0.16 9.53
CA LEU A 109 13.81 -0.77 10.43
C LEU A 109 14.55 -0.95 11.77
N THR A 110 13.81 -1.31 12.82
CA THR A 110 14.40 -1.88 14.04
C THR A 110 14.07 -3.37 14.14
N PRO A 111 14.72 -4.10 15.07
CA PRO A 111 14.38 -5.53 15.12
C PRO A 111 12.93 -5.81 15.54
N GLU A 112 12.35 -5.02 16.44
CA GLU A 112 10.93 -5.12 16.76
C GLU A 112 10.01 -4.87 15.54
N ILE A 113 10.28 -3.82 14.78
CA ILE A 113 9.44 -3.48 13.64
C ILE A 113 9.53 -4.57 12.57
N ASP A 114 10.76 -5.01 12.29
CA ASP A 114 10.99 -6.13 11.37
C ASP A 114 10.19 -7.37 11.78
N ALA A 115 10.27 -7.75 13.05
CA ALA A 115 9.53 -8.87 13.62
C ALA A 115 8.00 -8.69 13.56
N PHE A 116 7.53 -7.46 13.81
CA PHE A 116 6.10 -7.09 13.66
C PHE A 116 5.56 -7.39 12.26
N TYR A 117 6.28 -6.95 11.22
CA TYR A 117 5.92 -7.23 9.82
C TYR A 117 5.95 -8.73 9.43
N GLN A 118 6.97 -9.46 9.89
CA GLN A 118 7.13 -10.89 9.57
C GLN A 118 5.93 -11.73 10.00
N LYS A 119 5.39 -11.41 11.17
CA LYS A 119 4.19 -12.10 11.66
C LYS A 119 2.97 -11.81 10.81
N HIS A 120 2.83 -10.56 10.35
CA HIS A 120 1.77 -10.25 9.41
C HIS A 120 1.96 -10.99 8.06
N TRP A 121 3.21 -11.02 7.56
CA TRP A 121 3.56 -11.82 6.36
C TRP A 121 3.21 -13.32 6.50
N ASP A 122 3.66 -13.94 7.58
CA ASP A 122 3.45 -15.37 7.84
C ASP A 122 1.97 -15.75 7.92
N GLU A 123 1.16 -14.82 8.42
CA GLU A 123 -0.26 -15.08 8.64
C GLU A 123 -1.16 -14.46 7.57
N ASP A 124 -0.55 -13.80 6.60
CA ASP A 124 -1.28 -13.20 5.48
C ASP A 124 -2.29 -12.14 5.89
N ILE A 125 -1.86 -11.15 6.66
CA ILE A 125 -2.74 -10.04 7.03
C ILE A 125 -2.31 -8.73 6.39
N LEU A 126 -3.27 -8.05 5.77
CA LEU A 126 -3.03 -6.75 5.15
C LEU A 126 -2.56 -5.69 6.16
N LEU A 127 -1.43 -5.05 5.88
CA LEU A 127 -0.82 -4.11 6.83
C LEU A 127 -0.05 -2.98 6.13
N GLY A 128 -0.25 -1.73 6.57
CA GLY A 128 0.55 -0.59 6.11
C GLY A 128 1.22 0.23 7.23
N CYS A 129 2.50 0.56 7.07
CA CYS A 129 3.22 1.33 8.09
C CYS A 129 3.99 2.49 7.48
N ILE A 130 3.94 3.65 8.15
CA ILE A 130 4.65 4.84 7.73
C ILE A 130 6.10 4.79 8.25
N LEU A 131 7.05 4.69 7.32
CA LEU A 131 8.49 4.57 7.61
C LEU A 131 9.38 5.58 6.84
N PRO A 132 10.61 5.82 7.32
CA PRO A 132 11.61 6.61 6.57
C PRO A 132 12.36 5.75 5.55
N TRP A 133 12.93 6.36 4.51
CA TRP A 133 13.77 5.62 3.55
C TRP A 133 15.21 5.49 4.03
N LYS A 134 15.85 4.38 3.69
CA LYS A 134 17.30 4.26 3.87
C LYS A 134 18.02 5.27 2.98
N ALA A 135 19.01 5.97 3.53
CA ALA A 135 19.74 7.00 2.79
C ALA A 135 20.11 6.58 1.37
N GLU A 136 20.70 5.38 1.26
CA GLU A 136 21.22 4.92 -0.02
C GLU A 136 20.08 4.59 -0.99
N ALA A 137 18.96 4.11 -0.45
CA ALA A 137 17.78 3.80 -1.25
C ALA A 137 17.15 5.06 -1.83
N TYR A 138 17.15 6.12 -1.03
CA TYR A 138 16.55 7.38 -1.43
C TYR A 138 17.39 8.03 -2.54
N GLU A 139 18.71 7.85 -2.48
CA GLU A 139 19.58 8.30 -3.58
C GLU A 139 19.22 7.60 -4.88
N LYS A 140 19.18 6.28 -4.85
CA LYS A 140 18.74 5.52 -6.01
C LYS A 140 17.35 5.98 -6.50
N LEU A 141 16.40 6.12 -5.57
CA LEU A 141 15.08 6.67 -5.91
C LEU A 141 15.20 7.90 -6.79
N LYS A 142 16.00 8.87 -6.34
CA LYS A 142 16.17 10.13 -7.06
C LYS A 142 16.98 9.97 -8.35
N ALA A 143 17.78 8.92 -8.43
CA ALA A 143 18.58 8.68 -9.63
C ALA A 143 17.72 8.61 -10.89
N TYR A 144 16.50 8.10 -10.77
CA TYR A 144 15.62 7.96 -11.95
C TYR A 144 15.46 9.28 -12.68
N GLY A 145 15.56 10.38 -11.94
CA GLY A 145 15.56 11.69 -12.55
C GLY A 145 14.21 12.22 -12.99
N ASP A 146 13.17 11.39 -12.94
CA ASP A 146 11.84 11.85 -13.33
C ASP A 146 11.07 12.61 -12.25
N GLY A 147 11.72 12.80 -11.09
CA GLY A 147 11.12 13.56 -9.99
C GLY A 147 9.90 12.91 -9.32
N ARG A 148 9.90 11.59 -9.22
CA ARG A 148 8.77 10.83 -8.65
C ARG A 148 8.62 10.98 -7.11
N GLU A 149 9.72 11.33 -6.44
CA GLU A 149 9.75 11.55 -4.99
C GLU A 149 8.74 12.61 -4.58
N GLU A 150 8.30 13.40 -5.55
CA GLU A 150 7.36 14.47 -5.27
C GLU A 150 5.97 13.90 -5.01
N LEU A 151 5.65 12.77 -5.65
CA LEU A 151 4.29 12.20 -5.59
C LEU A 151 4.14 10.89 -4.78
N MSE A 152 5.23 10.30 -4.30
CA MSE A 152 5.11 9.09 -3.48
C MSE A 152 5.92 9.09 -2.16
O MSE A 152 6.03 8.07 -1.50
CB MSE A 152 5.35 7.82 -4.32
CG MSE A 152 6.36 7.97 -5.46
SE MSE A 152 8.22 8.03 -4.89
CE MSE A 152 8.16 6.62 -3.50
N THR A 153 6.49 10.24 -1.81
CA THR A 153 6.97 10.50 -0.46
C THR A 153 6.37 11.82 -0.02
N ASP A 154 6.33 12.06 1.28
CA ASP A 154 5.91 13.36 1.77
C ASP A 154 7.14 14.26 1.98
N ILE A 155 6.92 15.46 2.51
CA ILE A 155 8.02 16.41 2.69
C ILE A 155 9.06 15.98 3.73
N ARG A 156 8.68 15.12 4.66
CA ARG A 156 9.62 14.62 5.68
C ARG A 156 10.45 13.45 5.14
N GLY A 157 10.07 12.94 3.98
CA GLY A 157 10.81 11.84 3.36
C GLY A 157 10.31 10.45 3.74
N THR A 158 9.06 10.35 4.18
CA THR A 158 8.49 9.07 4.60
C THR A 158 7.54 8.55 3.52
N SER A 159 7.28 7.24 3.52
CA SER A 159 6.20 6.64 2.71
C SER A 159 5.43 5.60 3.52
N CYS A 160 4.26 5.19 3.00
CA CYS A 160 3.51 4.06 3.55
C CYS A 160 3.84 2.77 2.78
N PHE A 161 4.47 1.80 3.46
CA PHE A 161 4.84 0.52 2.84
C PHE A 161 3.83 -0.58 3.20
N VAL A 162 3.24 -1.24 2.19
CA VAL A 162 2.12 -2.17 2.40
C VAL A 162 2.45 -3.58 1.95
N ILE A 163 2.02 -4.59 2.71
CA ILE A 163 2.15 -6.02 2.34
C ILE A 163 0.79 -6.74 2.36
N LYS A 164 0.72 -7.90 1.70
CA LYS A 164 -0.46 -8.79 1.72
C LYS A 164 -1.79 -8.11 1.44
N PHE A 165 -1.79 -7.25 0.44
CA PHE A 165 -2.93 -6.39 0.13
C PHE A 165 -3.95 -7.01 -0.82
N GLY A 166 -3.62 -8.16 -1.40
CA GLY A 166 -4.48 -8.81 -2.38
C GLY A 166 -3.64 -9.52 -3.44
N VAL A 167 -3.94 -10.79 -3.73
CA VAL A 167 -3.09 -11.62 -4.60
C VAL A 167 -2.82 -11.06 -6.02
N ALA A 168 -3.86 -10.60 -6.70
CA ALA A 168 -3.72 -10.13 -8.08
C ALA A 168 -2.61 -9.08 -8.20
N GLY A 169 -2.62 -8.10 -7.30
CA GLY A 169 -1.61 -7.04 -7.30
C GLY A 169 -0.29 -7.50 -6.70
N GLU A 170 -0.35 -8.44 -5.76
CA GLU A 170 0.88 -9.04 -5.21
C GLU A 170 1.70 -9.74 -6.30
N GLN A 171 1.03 -10.50 -7.17
CA GLN A 171 1.72 -11.14 -8.30
C GLN A 171 2.46 -10.13 -9.19
N ILE A 172 1.78 -9.06 -9.57
CA ILE A 172 2.42 -8.07 -10.45
C ILE A 172 3.59 -7.35 -9.79
N ALA A 173 3.45 -6.94 -8.53
CA ALA A 173 4.53 -6.27 -7.80
C ALA A 173 5.77 -7.15 -7.65
N LYS A 174 5.57 -8.46 -7.52
CA LYS A 174 6.67 -9.40 -7.36
C LYS A 174 7.48 -9.59 -8.64
N GLU A 175 6.78 -9.73 -9.77
CA GLU A 175 7.43 -9.81 -11.09
C GLU A 175 8.22 -8.55 -11.42
N MSE A 176 7.63 -7.38 -11.18
CA MSE A 176 8.31 -6.11 -11.46
C MSE A 176 9.60 -6.00 -10.66
O MSE A 176 10.65 -5.66 -11.20
CB MSE A 176 7.39 -4.92 -11.21
CG MSE A 176 6.27 -4.71 -12.27
SE MSE A 176 6.89 -3.94 -14.00
CE MSE A 176 7.11 -2.05 -13.51
N TRP A 177 9.52 -6.30 -9.37
CA TRP A 177 10.72 -6.27 -8.52
C TRP A 177 11.81 -7.28 -8.92
N GLU A 178 11.44 -8.56 -8.96
CA GLU A 178 12.43 -9.62 -9.16
C GLU A 178 12.98 -9.68 -10.58
N LYS A 179 12.17 -9.32 -11.57
CA LYS A 179 12.61 -9.46 -12.94
C LYS A 179 12.98 -8.18 -13.68
N GLU A 180 12.70 -7.02 -13.07
CA GLU A 180 13.05 -5.77 -13.73
C GLU A 180 13.67 -4.78 -12.76
N GLY A 181 13.71 -5.15 -11.49
CA GLY A 181 14.19 -4.24 -10.47
C GLY A 181 13.36 -2.96 -10.35
N ARG A 182 12.07 -3.06 -10.68
CA ARG A 182 11.18 -1.89 -10.64
C ARG A 182 10.16 -1.91 -9.49
N MSE A 183 9.72 -0.72 -9.06
CA MSE A 183 8.70 -0.57 -8.01
C MSE A 183 7.29 -0.28 -8.57
O MSE A 183 7.14 0.16 -9.70
CB MSE A 183 9.11 0.56 -7.06
CG MSE A 183 10.42 0.33 -6.29
SE MSE A 183 11.08 1.99 -5.43
CE MSE A 183 9.54 2.35 -4.29
N VAL A 184 6.25 -0.51 -7.75
CA VAL A 184 4.86 -0.19 -8.14
C VAL A 184 4.14 0.64 -7.06
N TYR A 185 3.39 1.67 -7.48
CA TYR A 185 2.75 2.63 -6.56
C TYR A 185 1.24 2.65 -6.77
N ALA A 186 0.50 3.15 -5.77
CA ALA A 186 -0.96 3.03 -5.80
C ALA A 186 -1.74 4.02 -4.96
N SER A 187 -3.03 4.08 -5.26
CA SER A 187 -4.02 4.91 -4.58
C SER A 187 -5.36 4.21 -4.85
N SER A 188 -6.36 4.44 -4.00
CA SER A 188 -7.63 3.71 -4.17
C SER A 188 -8.43 4.24 -5.36
N ALA A 189 -9.19 3.35 -5.99
CA ALA A 189 -9.99 3.67 -7.18
C ALA A 189 -11.36 4.23 -6.81
N ASN A 190 -11.39 5.50 -6.43
CA ASN A 190 -12.50 6.13 -5.73
C ASN A 190 -12.81 5.49 -4.39
N ASN A 196 -16.39 3.15 -3.71
CA ASN A 196 -16.86 2.18 -4.71
C ASN A 196 -17.70 1.05 -4.12
N ARG A 197 -17.68 0.93 -2.79
CA ARG A 197 -18.47 -0.09 -2.07
C ARG A 197 -18.05 -1.52 -2.42
N GLY A 198 -16.87 -1.68 -3.00
CA GLY A 198 -16.34 -3.00 -3.31
C GLY A 198 -16.67 -3.54 -4.68
N LYS A 199 -17.19 -2.69 -5.56
CA LYS A 199 -17.67 -3.14 -6.87
C LYS A 199 -17.06 -2.33 -8.00
N VAL A 200 -16.65 -3.00 -9.07
CA VAL A 200 -15.96 -2.36 -10.19
C VAL A 200 -16.78 -1.28 -10.93
N GLU A 201 -18.10 -1.40 -10.91
CA GLU A 201 -18.96 -0.34 -11.46
C GLU A 201 -19.03 0.87 -10.55
N GLY A 202 -18.45 0.78 -9.36
CA GLY A 202 -18.38 1.92 -8.46
C GLY A 202 -17.21 2.87 -8.68
N ILE A 203 -16.27 2.51 -9.55
CA ILE A 203 -15.07 3.34 -9.77
C ILE A 203 -15.38 4.69 -10.43
N GLY A 204 -16.43 4.72 -11.25
CA GLY A 204 -16.89 5.96 -11.84
C GLY A 204 -16.39 6.23 -13.25
N GLU A 205 -17.14 7.05 -13.98
CA GLU A 205 -16.88 7.30 -15.41
C GLU A 205 -15.53 7.96 -15.69
N ARG A 206 -15.18 9.00 -14.94
CA ARG A 206 -13.92 9.70 -15.14
C ARG A 206 -12.70 8.76 -15.04
N ILE A 207 -12.55 8.08 -13.91
CA ILE A 207 -11.45 7.15 -13.73
C ILE A 207 -11.41 6.07 -14.83
N GLU A 208 -12.57 5.50 -15.16
CA GLU A 208 -12.63 4.38 -16.11
C GLU A 208 -12.18 4.71 -17.53
N SER A 209 -12.42 5.95 -17.98
CA SER A 209 -12.01 6.34 -19.33
C SER A 209 -10.54 6.78 -19.39
N MSE A 210 -10.00 7.22 -18.27
CA MSE A 210 -8.63 7.74 -18.26
C MSE A 210 -7.55 6.66 -18.04
O MSE A 210 -6.35 6.97 -18.08
CB MSE A 210 -8.51 8.89 -17.26
CG MSE A 210 -9.33 10.12 -17.68
SE MSE A 210 -9.26 11.69 -16.49
CE MSE A 210 -7.32 11.95 -16.44
N VAL A 211 -7.97 5.42 -17.86
CA VAL A 211 -7.07 4.32 -17.51
C VAL A 211 -6.89 3.40 -18.72
N ASP A 212 -5.78 2.65 -18.78
CA ASP A 212 -5.46 1.80 -19.94
C ASP A 212 -6.07 0.38 -19.89
N LEU A 213 -6.38 -0.12 -18.69
CA LEU A 213 -6.98 -1.45 -18.51
C LEU A 213 -7.68 -1.56 -17.15
N VAL A 214 -8.80 -2.28 -17.11
CA VAL A 214 -9.49 -2.58 -15.85
C VAL A 214 -9.58 -4.10 -15.63
N ILE A 215 -9.00 -4.57 -14.53
CA ILE A 215 -9.09 -5.97 -14.17
C ILE A 215 -10.23 -6.16 -13.16
N GLU A 216 -11.19 -7.04 -13.49
CA GLU A 216 -12.39 -7.28 -12.67
C GLU A 216 -12.32 -8.58 -11.85
N ALA A 217 -12.89 -8.54 -10.64
CA ALA A 217 -13.01 -9.72 -9.75
C ALA A 217 -13.94 -9.45 -8.55
N ASP A 218 -15.15 -8.96 -8.81
CA ASP A 218 -16.13 -8.64 -7.77
C ASP A 218 -16.35 -9.77 -6.75
N ASP A 219 -16.39 -11.01 -7.24
CA ASP A 219 -16.55 -12.20 -6.39
C ASP A 219 -15.39 -12.42 -5.40
N TYR A 220 -14.15 -12.17 -5.84
CA TYR A 220 -13.00 -12.18 -4.94
C TYR A 220 -13.15 -11.21 -3.75
N VAL A 221 -13.59 -9.99 -4.03
CA VAL A 221 -13.73 -8.95 -3.00
C VAL A 221 -14.84 -9.32 -2.00
N ALA A 222 -15.90 -9.92 -2.51
CA ALA A 222 -17.01 -10.33 -1.66
C ALA A 222 -16.65 -11.50 -0.72
N SER A 223 -15.85 -12.43 -1.21
CA SER A 223 -15.48 -13.62 -0.42
C SER A 223 -14.55 -13.33 0.76
N ILE A 224 -13.96 -12.13 0.79
CA ILE A 224 -13.07 -11.75 1.87
C ILE A 224 -13.83 -11.50 3.19
N GLN A 225 -15.06 -10.98 3.10
CA GLN A 225 -15.82 -10.69 4.32
C GLN A 225 -17.25 -11.28 4.29
N PRO A 226 -17.36 -12.61 4.23
CA PRO A 226 -18.66 -13.27 4.03
C PRO A 226 -19.62 -13.06 5.19
N ASP A 227 -19.09 -12.66 6.34
CA ASP A 227 -19.90 -12.47 7.54
C ASP A 227 -20.41 -11.03 7.67
N LYS A 228 -20.11 -10.19 6.69
CA LYS A 228 -20.53 -8.78 6.76
C LYS A 228 -21.59 -8.46 5.72
N THR A 229 -22.15 -7.25 5.82
CA THR A 229 -23.05 -6.73 4.79
C THR A 229 -22.39 -5.52 4.17
N ILE A 230 -23.02 -4.95 3.16
CA ILE A 230 -22.45 -3.79 2.48
C ILE A 230 -22.29 -2.58 3.43
N GLU A 231 -23.18 -2.50 4.42
CA GLU A 231 -23.08 -1.45 5.44
C GLU A 231 -22.02 -1.72 6.51
N THR A 232 -21.75 -3.00 6.81
CA THR A 232 -20.86 -3.34 7.91
C THR A 232 -19.44 -3.80 7.53
N ARG A 233 -19.19 -4.01 6.23
CA ARG A 233 -17.86 -4.41 5.77
C ARG A 233 -16.87 -3.25 5.87
N TYR A 234 -15.61 -3.56 6.16
CA TYR A 234 -14.52 -2.59 6.05
C TYR A 234 -14.22 -2.20 4.59
N GLU A 235 -13.88 -0.93 4.38
CA GLU A 235 -13.60 -0.44 3.01
C GLU A 235 -12.13 -0.01 2.82
N GLN A 236 -11.31 -0.21 3.84
CA GLN A 236 -9.91 0.19 3.77
C GLN A 236 -9.07 -0.66 4.72
N GLY A 237 -7.75 -0.60 4.58
CA GLY A 237 -6.86 -1.29 5.50
C GLY A 237 -6.35 -0.41 6.64
N VAL A 238 -5.79 -1.07 7.66
CA VAL A 238 -5.24 -0.40 8.84
C VAL A 238 -3.93 0.33 8.49
N MSE A 239 -3.72 1.51 9.07
CA MSE A 239 -2.42 2.20 8.97
C MSE A 239 -1.78 2.44 10.34
O MSE A 239 -2.46 2.91 11.26
CB MSE A 239 -2.56 3.54 8.21
CG MSE A 239 -2.42 3.41 6.69
SE MSE A 239 -2.37 5.12 5.68
CE MSE A 239 -1.10 6.11 6.76
N VAL A 240 -0.48 2.14 10.47
CA VAL A 240 0.25 2.36 11.73
C VAL A 240 1.46 3.27 11.53
N SER A 241 1.53 4.38 12.26
CA SER A 241 2.71 5.26 12.18
C SER A 241 3.87 4.76 13.03
N MSE A 242 5.04 4.61 12.41
CA MSE A 242 6.24 4.09 13.05
C MSE A 242 7.36 5.15 13.12
O MSE A 242 8.55 4.83 13.18
CB MSE A 242 6.74 2.83 12.33
CG MSE A 242 5.79 1.59 12.45
SE MSE A 242 5.75 0.90 14.29
CE MSE A 242 4.77 -0.78 13.98
N VAL A 243 6.95 6.42 13.18
CA VAL A 243 7.86 7.54 13.01
C VAL A 243 7.41 8.60 14.01
N ASP A 244 8.31 9.48 14.47
CA ASP A 244 7.84 10.59 15.30
C ASP A 244 7.39 11.78 14.43
N LYS A 245 7.08 12.91 15.06
CA LYS A 245 6.46 14.02 14.33
C LYS A 245 7.37 14.67 13.30
N ASP A 246 8.67 14.44 13.42
CA ASP A 246 9.64 14.96 12.45
C ASP A 246 9.99 13.97 11.35
N GLY A 247 9.42 12.77 11.40
CA GLY A 247 9.71 11.76 10.40
C GLY A 247 10.86 10.83 10.76
N LYS A 248 11.40 10.97 11.98
CA LYS A 248 12.46 10.08 12.45
C LYS A 248 11.89 8.78 13.03
N LEU A 249 12.57 7.65 12.77
CA LEU A 249 12.18 6.33 13.32
C LEU A 249 11.97 6.35 14.85
N ILE A 250 10.93 5.69 15.34
CA ILE A 250 10.74 5.49 16.80
C ILE A 250 11.87 4.62 17.36
N PRO A 251 12.17 4.77 18.67
CA PRO A 251 13.21 3.99 19.35
C PRO A 251 12.84 2.53 19.57
N GLN A 252 13.88 1.69 19.73
CA GLN A 252 13.71 0.32 20.22
C GLN A 252 13.28 0.33 21.66
N GLN A 253 12.25 -0.44 22.00
CA GLN A 253 11.79 -0.55 23.37
C GLN A 253 12.54 -1.60 24.20
N GLY A 254 12.35 -2.88 23.89
CA GLY A 254 12.93 -3.94 24.70
C GLY A 254 11.85 -4.63 25.51
N ALA A 255 11.88 -5.95 25.54
CA ALA A 255 10.85 -6.76 26.19
C ALA A 255 10.63 -6.47 27.67
N ASP A 256 11.60 -5.82 28.32
CA ASP A 256 11.53 -5.54 29.75
C ASP A 256 11.23 -4.06 30.08
N SER A 257 11.07 -3.22 29.06
CA SER A 257 10.81 -1.79 29.25
C SER A 257 9.34 -1.44 29.59
N ARG A 258 9.11 -0.23 30.09
CA ARG A 258 7.76 0.30 30.34
C ARG A 258 7.61 1.75 29.86
N SER A 259 6.43 2.08 29.34
CA SER A 259 6.07 3.47 29.03
C SER A 259 7.04 4.24 28.12
N VAL A 260 7.64 3.56 27.13
CA VAL A 260 8.57 4.22 26.23
C VAL A 260 7.87 5.12 25.19
N GLU A 261 8.41 6.31 25.00
CA GLU A 261 7.90 7.25 23.99
C GLU A 261 9.07 8.00 23.31
N PRO A 262 8.94 8.32 22.01
CA PRO A 262 7.79 8.09 21.11
C PRO A 262 7.54 6.61 20.84
N CYS A 263 6.34 6.28 20.34
CA CYS A 263 5.91 4.89 20.18
C CYS A 263 4.99 4.70 18.98
N PRO A 264 4.72 3.43 18.59
CA PRO A 264 3.83 3.17 17.44
C PRO A 264 2.45 3.79 17.65
N VAL A 265 1.79 4.27 16.58
CA VAL A 265 0.44 4.85 16.70
C VAL A 265 -0.55 4.38 15.61
N VAL A 266 -1.66 3.77 16.00
CA VAL A 266 -2.67 3.39 15.02
C VAL A 266 -3.43 4.64 14.56
N ILE A 267 -3.31 5.01 13.28
CA ILE A 267 -3.96 6.24 12.78
C ILE A 267 -5.21 6.03 11.88
N ARG A 268 -5.43 4.80 11.42
CA ARG A 268 -6.64 4.50 10.65
C ARG A 268 -7.14 3.09 10.95
N LYS A 269 -8.44 3.00 11.25
CA LYS A 269 -9.12 1.73 11.54
C LYS A 269 -9.42 0.98 10.23
N GLY A 270 -9.47 -0.35 10.26
CA GLY A 270 -9.72 -1.10 9.04
C GLY A 270 -9.75 -2.63 9.15
N LEU A 271 -9.69 -3.30 8.00
CA LEU A 271 -9.75 -4.76 7.94
C LEU A 271 -8.83 -5.44 8.98
N ASP A 272 -9.39 -6.37 9.76
CA ASP A 272 -8.65 -7.16 10.76
C ASP A 272 -7.99 -6.37 11.89
N ILE A 273 -8.57 -5.22 12.25
CA ILE A 273 -7.98 -4.40 13.31
C ILE A 273 -7.82 -5.18 14.63
N ASP A 274 -8.74 -6.11 14.90
CA ASP A 274 -8.65 -6.92 16.12
C ASP A 274 -7.38 -7.80 16.19
N LYS A 275 -7.00 -8.43 15.09
CA LYS A 275 -5.76 -9.25 15.08
C LYS A 275 -4.50 -8.39 15.16
N ILE A 276 -4.55 -7.20 14.56
CA ILE A 276 -3.40 -6.31 14.56
C ILE A 276 -3.08 -5.68 15.93
N MSE A 277 -4.11 -5.36 16.71
CA MSE A 277 -3.89 -4.80 18.04
C MSE A 277 -3.36 -5.90 19.01
O MSE A 277 -2.52 -5.63 19.87
CB MSE A 277 -5.18 -4.15 18.58
CG MSE A 277 -5.69 -2.94 17.74
SE MSE A 277 -7.22 -1.96 18.56
CE MSE A 277 -8.56 -3.37 18.52
N MSE A 278 -3.86 -7.12 18.86
CA MSE A 278 -3.32 -8.27 19.58
C MSE A 278 -1.83 -8.46 19.28
O MSE A 278 -1.06 -8.77 20.18
CB MSE A 278 -4.13 -9.54 19.24
CG MSE A 278 -3.84 -10.74 20.14
SE MSE A 278 -4.40 -10.53 22.03
CE MSE A 278 -2.69 -10.13 22.88
N HIS A 279 -1.41 -8.26 18.03
CA HIS A 279 0.01 -8.39 17.68
C HIS A 279 0.82 -7.20 18.19
N LEU A 280 0.21 -6.02 18.22
CA LEU A 280 0.91 -4.87 18.78
C LEU A 280 1.23 -5.14 20.24
N SER A 281 0.28 -5.68 20.99
CA SER A 281 0.45 -5.83 22.43
C SER A 281 1.40 -6.98 22.79
N ASP A 282 1.59 -7.93 21.87
CA ASP A 282 2.60 -8.97 22.03
C ASP A 282 4.02 -8.48 21.78
N GLN A 283 4.17 -7.43 20.97
CA GLN A 283 5.49 -7.00 20.51
C GLN A 283 6.00 -5.69 21.16
N PHE A 284 5.10 -4.86 21.64
CA PHE A 284 5.51 -3.60 22.29
C PHE A 284 4.78 -3.47 23.64
N ASN A 285 5.47 -3.04 24.70
CA ASN A 285 4.79 -2.74 25.96
C ASN A 285 4.11 -1.36 25.95
N SER A 286 4.38 -0.59 24.90
CA SER A 286 3.91 0.77 24.83
C SER A 286 3.47 1.18 23.42
N TRP A 287 2.17 1.48 23.24
CA TRP A 287 1.61 2.02 21.98
C TRP A 287 0.31 2.85 22.16
N ASN A 288 -0.05 3.63 21.13
CA ASN A 288 -1.19 4.56 21.18
C ASN A 288 -2.26 4.26 20.13
N TYR A 289 -3.52 4.56 20.45
CA TYR A 289 -4.59 4.42 19.45
C TYR A 289 -5.18 5.80 19.16
N ARG A 290 -5.09 6.27 17.90
CA ARG A 290 -5.58 7.60 17.52
C ARG A 290 -6.38 7.64 16.18
N GLN A 291 -7.60 7.12 16.19
CA GLN A 291 -8.45 7.06 14.99
C GLN A 291 -8.61 8.44 14.32
N GLY A 292 -8.43 8.48 13.00
CA GLY A 292 -8.77 9.66 12.23
C GLY A 292 -7.63 10.62 12.02
N GLU A 293 -6.42 10.23 12.41
CA GLU A 293 -5.27 11.09 12.16
C GLU A 293 -4.66 10.86 10.77
N TYR A 294 -5.40 10.15 9.91
CA TYR A 294 -5.06 10.00 8.49
C TYR A 294 -6.13 9.17 7.77
S SO4 B . -5.46 5.42 -0.04
O1 SO4 B . -4.17 6.07 0.20
O2 SO4 B . -6.36 5.67 1.08
O3 SO4 B . -6.06 5.99 -1.26
O4 SO4 B . -5.28 3.98 -0.16
S SO4 C . 20.40 4.10 6.79
O1 SO4 C . 20.85 4.21 8.17
O2 SO4 C . 19.66 5.31 6.44
O3 SO4 C . 21.57 3.95 5.91
O4 SO4 C . 19.57 2.90 6.64
S SO4 D . -16.59 -11.12 -11.42
O1 SO4 D . -15.43 -11.91 -11.84
O2 SO4 D . -16.23 -9.71 -11.43
O3 SO4 D . -17.69 -11.36 -12.35
O4 SO4 D . -17.01 -11.54 -10.08
S SO4 E . -20.06 -9.65 1.60
O1 SO4 E . -18.82 -8.92 1.83
O2 SO4 E . -21.12 -9.10 2.45
O3 SO4 E . -20.47 -9.49 0.20
O4 SO4 E . -19.87 -11.06 1.89
S SO4 F . -5.09 -2.81 -24.60
O1 SO4 F . -4.18 -2.21 -25.59
O2 SO4 F . -5.55 -1.77 -23.69
O3 SO4 F . -6.23 -3.40 -25.29
O4 SO4 F . -4.37 -3.84 -23.87
S SO4 G . -10.86 6.33 10.32
O1 SO4 G . -9.52 5.87 10.70
O2 SO4 G . -11.42 7.10 11.44
O3 SO4 G . -10.78 7.17 9.14
O4 SO4 G . -11.71 5.16 10.06
S SO4 H . -8.67 10.56 -1.86
O1 SO4 H . -9.93 11.19 -1.44
O2 SO4 H . -7.77 10.48 -0.72
O3 SO4 H . -8.96 9.21 -2.33
O4 SO4 H . -8.07 11.37 -2.91
#